data_6A9S
#
_entry.id   6A9S
#
_cell.length_a   45.380
_cell.length_b   80.718
_cell.length_c   53.812
_cell.angle_alpha   90.00
_cell.angle_beta   113.80
_cell.angle_gamma   90.00
#
_symmetry.space_group_name_H-M   'P 1 21 1'
#
loop_
_entity.id
_entity.type
_entity.pdbx_description
1 polymer 'Protein A26'
2 non-polymer 1,2-ETHANEDIOL
3 water water
#
_entity_poly.entity_id   1
_entity_poly.type   'polypeptide(L)'
_entity_poly.pdbx_seq_one_letter_code
;(MSE)ANIINLWNGIVPTVQDVNVASITAFKS(MSE)IDETWDKKIEANTCISRKHRNIIHEVIRDF(MSE)KAYPK
(MSE)DENKKSPLGAP(MSE)QWLTQYYILKNEYHKT(MSE)LAYDNGSLNTKFKTLNIY(MSE)ITNVGQYILYIVFCI
ISGKNHDGTPYIYDSEITSNDKNFINERIKYACKQILHGQLTIALRIRNKF(MSE)FIGSP(MSE)YLWFNVNGSQVYHD
IYDRNAGFHNKEIGRLLYAF(MSE)YYLSISGRFLNDFALLKFTYLGESWTFSLSVPEYILYGLGYSVFDTIEKFSNDAI
LVYIRTNNRNGYDYVEFNKKGIAKVTEDKPDNDKRIHAIRLINDSTDVQHIHFGFRN(MSE)VIIDNECANIQSSAENAT
DTGHHQDSKINIEVEDDVIDDDDYNPKPTPIPEPHPRPPFPRHE
;
_entity_poly.pdbx_strand_id   A
#
loop_
_chem_comp.id
_chem_comp.type
_chem_comp.name
_chem_comp.formula
EDO non-polymer 1,2-ETHANEDIOL 'C2 H6 O2'
#
# COMPACT_ATOMS: atom_id res chain seq x y z
N ASP A 17 11.31 9.85 -16.52
CA ASP A 17 11.92 8.60 -15.97
C ASP A 17 10.86 7.50 -15.97
N VAL A 18 10.90 6.68 -17.03
CA VAL A 18 10.01 5.53 -17.23
C VAL A 18 10.81 4.26 -16.95
N ASN A 19 10.57 3.66 -15.78
CA ASN A 19 11.16 2.37 -15.49
C ASN A 19 10.43 1.29 -16.21
N VAL A 20 10.88 0.91 -17.38
CA VAL A 20 10.21 -0.16 -18.06
C VAL A 20 10.35 -1.53 -17.38
N ALA A 21 11.33 -1.74 -16.51
CA ALA A 21 11.49 -3.07 -15.91
C ALA A 21 10.23 -3.51 -15.17
N SER A 22 9.57 -2.60 -14.47
CA SER A 22 8.40 -3.00 -13.73
C SER A 22 7.22 -3.31 -14.65
N ILE A 23 7.18 -2.67 -15.82
CA ILE A 23 6.15 -2.97 -16.81
C ILE A 23 6.30 -4.40 -17.30
N THR A 24 7.53 -4.76 -17.69
CA THR A 24 7.80 -6.12 -18.16
C THR A 24 7.45 -7.14 -17.09
N ALA A 25 7.86 -6.89 -15.87
CA ALA A 25 7.57 -7.81 -14.78
C ALA A 25 6.07 -7.91 -14.53
N PHE A 26 5.35 -6.78 -14.60
CA PHE A 26 3.92 -6.79 -14.39
C PHE A 26 3.22 -7.63 -15.44
N LYS A 27 3.60 -7.45 -16.71
CA LYS A 27 2.97 -8.22 -17.78
C LYS A 27 3.12 -9.72 -17.54
N SER A 28 4.33 -10.15 -17.20
CA SER A 28 4.61 -11.57 -16.97
C SER A 28 3.80 -12.09 -15.77
N MSE A 29 3.69 -11.28 -14.71
CA MSE A 29 2.83 -11.67 -13.59
C MSE A 29 1.40 -11.90 -13.99
O MSE A 29 0.74 -12.85 -13.54
CB MSE A 29 2.91 -10.58 -12.52
CG MSE A 29 1.88 -10.74 -11.37
SE MSE A 29 2.06 -9.38 -10.10
CE MSE A 29 1.55 -7.91 -11.17
N ILE A 30 0.86 -10.98 -14.79
CA ILE A 30 -0.50 -11.12 -15.25
C ILE A 30 -0.65 -12.39 -16.10
N ASP A 31 0.30 -12.66 -16.97
CA ASP A 31 0.27 -13.92 -17.75
C ASP A 31 0.19 -15.13 -16.84
N GLU A 32 1.02 -15.13 -15.80
CA GLU A 32 1.09 -16.30 -14.89
C GLU A 32 -0.18 -16.51 -14.13
N THR A 33 -0.85 -15.43 -13.75
CA THR A 33 -1.95 -15.49 -12.79
C THR A 33 -3.34 -15.27 -13.41
N TRP A 34 -3.41 -14.98 -14.71
CA TRP A 34 -4.67 -14.60 -15.34
C TRP A 34 -5.78 -15.62 -15.11
N ASP A 35 -5.41 -16.91 -15.19
CA ASP A 35 -6.40 -17.98 -15.07
C ASP A 35 -6.32 -18.72 -13.75
N LYS A 36 -5.68 -18.11 -12.75
CA LYS A 36 -5.55 -18.74 -11.43
C LYS A 36 -6.74 -18.34 -10.57
N LYS A 37 -7.61 -19.30 -10.24
CA LYS A 37 -8.79 -19.02 -9.45
C LYS A 37 -8.44 -18.61 -8.03
N ILE A 38 -9.07 -17.56 -7.54
CA ILE A 38 -8.91 -17.16 -6.14
C ILE A 38 -9.69 -18.11 -5.25
N GLU A 39 -8.98 -18.77 -4.34
CA GLU A 39 -9.57 -19.70 -3.39
C GLU A 39 -9.56 -19.09 -1.98
N ALA A 40 -9.94 -19.89 -0.98
CA ALA A 40 -10.19 -19.34 0.34
C ALA A 40 -9.01 -18.63 0.95
N ASN A 41 -7.82 -19.20 0.80
CA ASN A 41 -6.60 -18.61 1.44
C ASN A 41 -5.69 -17.87 0.46
N THR A 42 -6.07 -17.76 -0.80
CA THR A 42 -5.15 -17.25 -1.80
C THR A 42 -4.68 -15.85 -1.44
N CYS A 43 -3.38 -15.65 -1.65
CA CYS A 43 -2.75 -14.36 -1.40
C CYS A 43 -1.79 -14.04 -2.52
N ILE A 44 -1.39 -12.77 -2.60
CA ILE A 44 -0.41 -12.32 -3.57
C ILE A 44 0.98 -12.58 -3.00
N SER A 45 1.83 -13.25 -3.76
CA SER A 45 3.14 -13.63 -3.31
C SER A 45 4.03 -12.42 -3.04
N ARG A 46 5.13 -12.63 -2.32
CA ARG A 46 6.12 -11.58 -2.10
C ARG A 46 6.57 -11.00 -3.43
N LYS A 47 6.95 -11.86 -4.36
CA LYS A 47 7.46 -11.39 -5.66
C LYS A 47 6.40 -10.48 -6.32
N HIS A 48 5.15 -10.95 -6.35
CA HIS A 48 4.10 -10.22 -7.01
C HIS A 48 3.72 -8.93 -6.30
N ARG A 49 3.69 -8.96 -4.98
CA ARG A 49 3.49 -7.72 -4.23
C ARG A 49 4.55 -6.70 -4.56
N ASN A 50 5.80 -7.13 -4.64
CA ASN A 50 6.88 -6.22 -4.92
C ASN A 50 6.78 -5.64 -6.32
N ILE A 51 6.32 -6.45 -7.29
CA ILE A 51 6.07 -5.92 -8.64
C ILE A 51 4.97 -4.86 -8.61
N ILE A 52 3.87 -5.14 -7.93
CA ILE A 52 2.77 -4.19 -7.80
C ILE A 52 3.28 -2.88 -7.18
N HIS A 53 4.04 -3.01 -6.12
CA HIS A 53 4.60 -1.86 -5.39
C HIS A 53 5.49 -1.02 -6.31
N GLU A 54 6.36 -1.66 -7.09
CA GLU A 54 7.19 -0.98 -8.08
C GLU A 54 6.35 -0.27 -9.13
N VAL A 55 5.31 -0.94 -9.63
CA VAL A 55 4.47 -0.31 -10.64
C VAL A 55 3.86 1.01 -10.14
N ILE A 56 3.29 1.00 -8.96
CA ILE A 56 2.66 2.21 -8.48
CA ILE A 56 2.66 2.20 -8.39
C ILE A 56 3.72 3.29 -8.23
N ARG A 57 4.88 2.91 -7.66
CA ARG A 57 5.92 3.89 -7.40
C ARG A 57 6.50 4.45 -8.70
N ASP A 58 6.66 3.60 -9.73
CA ASP A 58 7.23 4.03 -10.99
C ASP A 58 6.24 4.91 -11.76
N PHE A 59 4.96 4.61 -11.66
CA PHE A 59 3.92 5.49 -12.18
C PHE A 59 4.05 6.87 -11.58
N MSE A 60 4.21 6.95 -10.26
CA MSE A 60 4.29 8.25 -9.60
C MSE A 60 5.52 9.00 -10.08
O MSE A 60 5.43 10.22 -10.31
CB MSE A 60 4.41 8.09 -8.09
CG MSE A 60 3.13 7.58 -7.40
SE MSE A 60 3.40 7.08 -5.57
CE MSE A 60 3.85 8.92 -5.00
N LYS A 61 6.66 8.32 -10.18
CA LYS A 61 7.92 8.97 -10.49
C LYS A 61 7.96 9.55 -11.89
N ALA A 62 7.20 8.99 -12.83
CA ALA A 62 7.24 9.48 -14.19
C ALA A 62 6.69 10.88 -14.36
N TYR A 63 5.82 11.34 -13.47
CA TYR A 63 5.28 12.70 -13.60
C TYR A 63 5.06 13.18 -12.19
N PRO A 64 6.14 13.62 -11.54
CA PRO A 64 6.10 13.67 -10.08
C PRO A 64 5.57 14.96 -9.49
N LYS A 65 5.39 16.00 -10.32
CA LYS A 65 4.94 17.30 -9.83
C LYS A 65 3.89 17.89 -10.76
N MSE A 66 3.03 18.73 -10.22
CA MSE A 66 2.14 19.56 -11.00
C MSE A 66 2.87 20.61 -11.76
O MSE A 66 3.95 21.07 -11.36
CB MSE A 66 1.07 20.16 -10.11
CG MSE A 66 0.07 19.11 -9.63
SE MSE A 66 -1.13 19.63 -8.26
CE MSE A 66 0.14 19.60 -6.81
N ASP A 67 2.24 21.05 -12.85
CA ASP A 67 2.73 22.16 -13.63
C ASP A 67 2.26 23.46 -12.95
N GLU A 68 3.07 24.49 -12.99
CA GLU A 68 2.67 25.73 -12.34
C GLU A 68 1.35 26.30 -12.85
N ASN A 69 1.05 26.10 -14.15
CA ASN A 69 -0.20 26.64 -14.68
C ASN A 69 -1.40 25.73 -14.52
N LYS A 70 -1.26 24.61 -13.80
CA LYS A 70 -2.43 23.76 -13.55
C LYS A 70 -2.25 23.06 -12.23
N LYS A 71 -2.23 23.87 -11.17
CA LYS A 71 -1.80 23.42 -9.84
C LYS A 71 -2.90 23.59 -8.81
N SER A 72 -2.97 22.66 -7.88
CA SER A 72 -3.89 22.78 -6.76
C SER A 72 -3.35 23.76 -5.73
N PRO A 73 -4.11 24.80 -5.34
CA PRO A 73 -3.65 25.68 -4.28
C PRO A 73 -3.71 25.03 -2.91
N LEU A 74 -4.39 23.89 -2.80
CA LEU A 74 -4.43 23.12 -1.57
C LEU A 74 -3.21 22.24 -1.39
N GLY A 75 -2.42 22.07 -2.44
CA GLY A 75 -1.37 21.07 -2.43
C GLY A 75 -1.84 19.63 -2.62
N ALA A 76 -3.08 19.42 -3.05
CA ALA A 76 -3.54 18.07 -3.35
C ALA A 76 -2.74 17.55 -4.53
N PRO A 77 -2.37 16.27 -4.53
CA PRO A 77 -1.40 15.76 -5.53
C PRO A 77 -2.11 15.36 -6.81
N MSE A 78 -2.60 16.37 -7.53
CA MSE A 78 -3.42 16.15 -8.72
C MSE A 78 -2.68 15.49 -9.84
O MSE A 78 -3.32 14.92 -10.74
CB MSE A 78 -4.01 17.50 -9.19
CG MSE A 78 -4.83 18.17 -8.08
SE MSE A 78 -6.26 17.01 -7.42
CE MSE A 78 -7.39 18.35 -6.65
N GLN A 79 -1.35 15.52 -9.84
CA GLN A 79 -0.56 14.84 -10.85
C GLN A 79 -0.84 13.36 -10.88
N TRP A 80 -1.31 12.78 -9.78
CA TRP A 80 -1.58 11.34 -9.74
C TRP A 80 -3.07 11.03 -9.69
N LEU A 81 -3.93 12.04 -9.82
CA LEU A 81 -5.37 11.91 -9.59
C LEU A 81 -6.25 12.30 -10.75
N THR A 82 -5.68 12.90 -11.80
CA THR A 82 -6.45 13.53 -12.86
C THR A 82 -5.98 13.08 -14.22
N GLN A 83 -6.93 13.05 -15.16
CA GLN A 83 -6.62 12.72 -16.54
C GLN A 83 -5.65 13.74 -17.17
N TYR A 84 -5.76 15.01 -16.79
CA TYR A 84 -4.86 16.02 -17.32
C TYR A 84 -3.41 15.58 -17.21
N TYR A 85 -3.05 15.05 -16.05
CA TYR A 85 -1.67 14.60 -15.80
C TYR A 85 -1.46 13.14 -16.22
N ILE A 86 -2.40 12.26 -15.90
CA ILE A 86 -2.18 10.82 -16.12
C ILE A 86 -2.03 10.53 -17.61
N LEU A 87 -2.82 11.21 -18.46
CA LEU A 87 -2.76 10.94 -19.89
C LEU A 87 -1.45 11.36 -20.50
N LYS A 88 -0.70 12.24 -19.85
CA LYS A 88 0.64 12.60 -20.32
C LYS A 88 1.78 11.99 -19.51
N ASN A 89 1.43 11.06 -18.63
CA ASN A 89 2.42 10.34 -17.84
C ASN A 89 3.00 9.24 -18.70
N GLU A 90 4.31 9.30 -18.97
CA GLU A 90 4.91 8.38 -19.92
C GLU A 90 4.94 6.94 -19.42
N TYR A 91 4.95 6.76 -18.11
CA TYR A 91 4.87 5.40 -17.58
C TYR A 91 3.48 4.83 -17.86
N HIS A 92 2.44 5.59 -17.54
CA HIS A 92 1.07 5.18 -17.86
C HIS A 92 0.95 4.87 -19.35
N LYS A 93 1.44 5.75 -20.23
CA LYS A 93 1.31 5.51 -21.67
C LYS A 93 2.05 4.23 -22.09
N THR A 94 3.25 4.05 -21.57
CA THR A 94 4.05 2.88 -21.96
C THR A 94 3.41 1.61 -21.44
N MSE A 95 2.87 1.62 -20.23
CA MSE A 95 2.19 0.47 -19.68
C MSE A 95 0.97 0.08 -20.50
O MSE A 95 0.77 -1.09 -20.82
CB MSE A 95 1.78 0.79 -18.25
CG MSE A 95 0.93 -0.34 -17.60
SE MSE A 95 1.81 -2.06 -17.33
CE MSE A 95 2.33 -1.70 -15.50
N LEU A 96 0.15 1.06 -20.88
CA LEU A 96 -1.06 0.75 -21.60
C LEU A 96 -0.79 0.33 -23.04
N ALA A 97 0.37 0.72 -23.59
CA ALA A 97 0.77 0.34 -24.94
C ALA A 97 1.59 -0.96 -24.99
N TYR A 98 2.06 -1.45 -23.84
CA TYR A 98 3.02 -2.55 -23.81
C TYR A 98 2.39 -3.81 -24.42
N ASP A 99 3.21 -4.61 -25.12
CA ASP A 99 2.74 -5.86 -25.71
C ASP A 99 1.48 -5.62 -26.54
N ASN A 100 1.57 -4.66 -27.46
CA ASN A 100 0.48 -4.41 -28.40
C ASN A 100 -0.78 -3.98 -27.67
N GLY A 101 -0.65 -3.38 -26.48
CA GLY A 101 -1.80 -2.97 -25.73
C GLY A 101 -2.56 -4.08 -25.04
N SER A 102 -1.95 -5.26 -24.90
CA SER A 102 -2.72 -6.44 -24.45
C SER A 102 -3.26 -6.28 -23.03
N LEU A 103 -2.51 -5.63 -22.15
CA LEU A 103 -2.98 -5.46 -20.78
C LEU A 103 -4.16 -4.47 -20.73
N ASN A 104 -4.14 -3.43 -21.55
CA ASN A 104 -5.25 -2.51 -21.58
C ASN A 104 -6.51 -3.18 -22.12
N THR A 105 -6.38 -3.98 -23.18
CA THR A 105 -7.52 -4.70 -23.72
C THR A 105 -8.09 -5.66 -22.67
N LYS A 106 -7.23 -6.42 -21.99
CA LYS A 106 -7.73 -7.28 -20.91
C LYS A 106 -8.49 -6.44 -19.87
N PHE A 107 -7.89 -5.32 -19.45
CA PHE A 107 -8.44 -4.50 -18.39
C PHE A 107 -9.86 -4.07 -18.67
N LYS A 108 -10.12 -3.74 -19.93
CA LYS A 108 -11.41 -3.23 -20.29
C LYS A 108 -12.51 -4.27 -20.23
N THR A 109 -12.16 -5.54 -20.09
CA THR A 109 -13.19 -6.57 -19.90
C THR A 109 -13.63 -6.74 -18.43
N LEU A 110 -12.98 -6.07 -17.49
CA LEU A 110 -13.14 -6.40 -16.08
C LEU A 110 -14.01 -5.43 -15.33
N ASN A 111 -14.64 -5.93 -14.26
CA ASN A 111 -15.30 -5.12 -13.24
C ASN A 111 -15.32 -5.89 -11.93
N ILE A 112 -15.65 -5.22 -10.83
CA ILE A 112 -15.60 -5.82 -9.50
CA ILE A 112 -15.55 -5.88 -9.54
C ILE A 112 -16.47 -7.06 -9.38
N TYR A 113 -17.61 -7.05 -10.06
CA TYR A 113 -18.61 -8.08 -9.84
C TYR A 113 -18.26 -9.41 -10.49
N MSE A 114 -17.41 -9.39 -11.49
CA MSE A 114 -17.11 -10.62 -12.20
C MSE A 114 -15.77 -11.22 -11.89
O MSE A 114 -15.51 -12.33 -12.32
CB MSE A 114 -17.30 -10.40 -13.70
CG MSE A 114 -16.46 -9.31 -14.34
SE MSE A 114 -14.57 -9.74 -14.50
CE MSE A 114 -14.63 -10.74 -16.17
N ILE A 115 -14.90 -10.51 -11.17
CA ILE A 115 -13.55 -11.00 -10.93
C ILE A 115 -13.54 -12.29 -10.13
N THR A 116 -12.86 -13.30 -10.66
CA THR A 116 -12.68 -14.56 -9.96
C THR A 116 -11.22 -15.02 -9.86
N ASN A 117 -10.31 -14.46 -10.67
CA ASN A 117 -8.95 -14.97 -10.80
C ASN A 117 -7.94 -13.93 -10.33
N VAL A 118 -6.78 -14.42 -9.90
CA VAL A 118 -5.75 -13.58 -9.32
C VAL A 118 -5.32 -12.47 -10.30
N GLY A 119 -5.06 -12.82 -11.55
CA GLY A 119 -4.56 -11.85 -12.47
C GLY A 119 -5.62 -10.82 -12.87
N GLN A 120 -6.90 -11.21 -12.88
CA GLN A 120 -7.97 -10.24 -13.07
C GLN A 120 -7.99 -9.24 -11.91
N TYR A 121 -7.92 -9.75 -10.69
CA TYR A 121 -7.93 -8.88 -9.50
C TYR A 121 -6.79 -7.87 -9.57
N ILE A 122 -5.59 -8.34 -9.79
CA ILE A 122 -4.42 -7.47 -9.79
C ILE A 122 -4.54 -6.45 -10.92
N LEU A 123 -4.82 -6.93 -12.13
CA LEU A 123 -4.91 -6.01 -13.26
C LEU A 123 -5.95 -4.95 -13.02
N TYR A 124 -7.16 -5.35 -12.56
CA TYR A 124 -8.22 -4.39 -12.41
C TYR A 124 -7.86 -3.33 -11.38
N ILE A 125 -7.45 -3.77 -10.18
CA ILE A 125 -7.22 -2.81 -9.12
C ILE A 125 -6.08 -1.88 -9.49
N VAL A 126 -4.99 -2.43 -10.01
CA VAL A 126 -3.81 -1.63 -10.36
C VAL A 126 -4.09 -0.70 -11.52
N PHE A 127 -4.68 -1.22 -12.60
CA PHE A 127 -4.94 -0.33 -13.74
C PHE A 127 -5.94 0.76 -13.39
N CYS A 128 -6.90 0.52 -12.50
CA CYS A 128 -7.75 1.61 -12.04
C CYS A 128 -6.90 2.69 -11.37
N ILE A 129 -6.02 2.30 -10.46
CA ILE A 129 -5.19 3.26 -9.73
C ILE A 129 -4.31 4.05 -10.72
N ILE A 130 -3.55 3.37 -11.58
CA ILE A 130 -2.62 4.09 -12.43
CA ILE A 130 -2.62 4.08 -12.45
C ILE A 130 -3.30 4.74 -13.65
N SER A 131 -4.61 4.57 -13.77
CA SER A 131 -5.44 5.32 -14.70
CA SER A 131 -5.39 5.36 -14.72
C SER A 131 -6.24 6.41 -14.00
N GLY A 132 -6.16 6.52 -12.66
CA GLY A 132 -6.93 7.49 -11.95
C GLY A 132 -8.43 7.31 -11.98
N LYS A 133 -8.90 6.07 -11.98
CA LYS A 133 -10.33 5.79 -12.09
C LYS A 133 -10.88 5.05 -10.92
N ASN A 134 -12.02 5.52 -10.43
CA ASN A 134 -12.85 4.75 -9.54
C ASN A 134 -13.41 3.53 -10.25
N HIS A 135 -13.87 2.56 -9.47
CA HIS A 135 -14.46 1.34 -10.00
C HIS A 135 -15.74 1.61 -10.76
N ASP A 136 -16.37 2.76 -10.50
CA ASP A 136 -17.56 3.11 -11.24
C ASP A 136 -17.23 3.83 -12.55
N GLY A 137 -15.94 3.98 -12.87
CA GLY A 137 -15.50 4.58 -14.11
C GLY A 137 -15.22 6.08 -14.03
N THR A 138 -15.65 6.75 -12.97
CA THR A 138 -15.41 8.17 -12.87
C THR A 138 -13.95 8.45 -12.50
N PRO A 139 -13.40 9.59 -12.95
CA PRO A 139 -12.05 9.93 -12.53
C PRO A 139 -12.03 10.30 -11.06
N TYR A 140 -10.91 10.07 -10.38
CA TYR A 140 -10.84 10.46 -8.99
C TYR A 140 -11.18 11.94 -8.84
N ILE A 141 -10.54 12.77 -9.65
CA ILE A 141 -10.74 14.24 -9.66
C ILE A 141 -10.87 14.62 -11.12
N TYR A 142 -11.86 15.47 -11.45
CA TYR A 142 -12.02 16.00 -12.80
C TYR A 142 -11.01 17.09 -13.07
N ASP A 143 -10.66 17.30 -14.34
CA ASP A 143 -9.66 18.32 -14.65
C ASP A 143 -10.09 19.71 -14.21
N SER A 144 -11.39 19.98 -14.28
CA SER A 144 -11.94 21.26 -13.85
C SER A 144 -11.87 21.52 -12.36
N GLU A 145 -11.52 20.48 -11.57
CA GLU A 145 -11.41 20.57 -10.12
C GLU A 145 -9.96 20.77 -9.65
N ILE A 146 -8.99 20.64 -10.55
CA ILE A 146 -7.57 20.68 -10.15
C ILE A 146 -7.24 21.92 -9.33
N THR A 147 -7.69 23.07 -9.82
CA THR A 147 -7.31 24.36 -9.21
C THR A 147 -8.21 24.77 -8.06
N SER A 148 -9.09 23.90 -7.59
CA SER A 148 -10.07 24.30 -6.58
C SER A 148 -9.40 24.68 -5.27
N ASN A 149 -9.89 25.75 -4.67
CA ASN A 149 -9.45 26.08 -3.33
CA ASN A 149 -9.54 26.23 -3.34
C ASN A 149 -10.46 25.66 -2.27
N ASP A 150 -11.44 24.81 -2.64
CA ASP A 150 -12.45 24.36 -1.71
C ASP A 150 -11.98 23.06 -1.06
N LYS A 151 -11.37 23.21 0.11
CA LYS A 151 -10.74 22.06 0.75
C LYS A 151 -11.72 20.97 1.09
N ASN A 152 -12.86 21.29 1.64
CA ASN A 152 -13.81 20.25 1.97
C ASN A 152 -14.28 19.49 0.75
N PHE A 153 -14.53 20.21 -0.33
CA PHE A 153 -15.00 19.60 -1.56
C PHE A 153 -13.96 18.61 -2.09
N ILE A 154 -12.71 19.04 -2.21
CA ILE A 154 -11.66 18.16 -2.72
C ILE A 154 -11.41 17.00 -1.75
N ASN A 155 -11.38 17.28 -0.45
CA ASN A 155 -11.17 16.24 0.52
C ASN A 155 -12.19 15.12 0.35
N GLU A 156 -13.46 15.46 0.14
CA GLU A 156 -14.51 14.44 0.02
C GLU A 156 -14.29 13.56 -1.21
N ARG A 157 -13.85 14.14 -2.32
CA ARG A 157 -13.65 13.36 -3.52
C ARG A 157 -12.47 12.37 -3.31
N ILE A 158 -11.40 12.84 -2.68
CA ILE A 158 -10.26 11.97 -2.46
C ILE A 158 -10.61 10.88 -1.46
N LYS A 159 -11.33 11.22 -0.38
CA LYS A 159 -11.76 10.18 0.55
C LYS A 159 -12.57 9.11 -0.16
N TYR A 160 -13.46 9.50 -1.05
CA TYR A 160 -14.26 8.49 -1.76
C TYR A 160 -13.36 7.53 -2.51
N ALA A 161 -12.41 8.10 -3.27
CA ALA A 161 -11.51 7.31 -4.08
C ALA A 161 -10.69 6.33 -3.25
N CYS A 162 -10.15 6.84 -2.15
CA CYS A 162 -9.36 6.02 -1.24
C CYS A 162 -10.16 4.86 -0.68
N LYS A 163 -11.35 5.15 -0.20
CA LYS A 163 -12.21 4.13 0.37
CA LYS A 163 -12.21 4.15 0.38
C LYS A 163 -12.62 3.09 -0.66
N GLN A 164 -12.93 3.51 -1.87
CA GLN A 164 -13.50 2.58 -2.84
C GLN A 164 -12.47 1.54 -3.31
N ILE A 165 -11.19 1.88 -3.35
CA ILE A 165 -10.15 0.88 -3.63
C ILE A 165 -10.28 -0.29 -2.67
N LEU A 166 -10.45 0.03 -1.40
CA LEU A 166 -10.47 -0.96 -0.33
C LEU A 166 -11.84 -1.66 -0.28
N HIS A 167 -12.92 -0.87 -0.35
CA HIS A 167 -14.28 -1.42 -0.30
C HIS A 167 -14.50 -2.37 -1.46
N GLY A 168 -14.06 -2.01 -2.65
CA GLY A 168 -14.22 -2.89 -3.81
C GLY A 168 -13.54 -4.24 -3.59
N GLN A 169 -12.35 -4.22 -3.00
CA GLN A 169 -11.66 -5.46 -2.70
C GLN A 169 -12.37 -6.26 -1.63
N LEU A 170 -12.95 -5.63 -0.62
CA LEU A 170 -13.74 -6.35 0.37
C LEU A 170 -14.96 -6.98 -0.24
N THR A 171 -15.61 -6.29 -1.18
CA THR A 171 -16.80 -6.83 -1.85
CA THR A 171 -16.82 -6.87 -1.81
C THR A 171 -16.42 -8.11 -2.60
N ILE A 172 -15.28 -8.08 -3.28
CA ILE A 172 -14.78 -9.29 -3.97
C ILE A 172 -14.51 -10.39 -2.94
N ALA A 173 -13.80 -10.05 -1.87
CA ALA A 173 -13.47 -11.05 -0.84
C ALA A 173 -14.70 -11.71 -0.27
N LEU A 174 -15.75 -10.94 -0.03
CA LEU A 174 -16.95 -11.51 0.59
C LEU A 174 -17.66 -12.44 -0.39
N ARG A 175 -17.71 -12.05 -1.69
CA ARG A 175 -18.38 -12.86 -2.69
C ARG A 175 -17.64 -14.18 -2.89
N ILE A 176 -16.32 -14.13 -3.04
CA ILE A 176 -15.50 -15.32 -3.29
C ILE A 176 -15.21 -16.12 -2.01
N ARG A 177 -15.33 -15.49 -0.87
CA ARG A 177 -14.94 -16.04 0.43
C ARG A 177 -13.45 -16.22 0.48
N ASN A 178 -12.72 -15.12 0.30
CA ASN A 178 -11.28 -15.12 0.33
C ASN A 178 -10.73 -14.33 1.51
N LYS A 179 -9.64 -14.83 2.07
CA LYS A 179 -9.06 -14.31 3.31
C LYS A 179 -7.96 -13.28 3.11
N PHE A 180 -7.13 -13.40 2.08
CA PHE A 180 -5.83 -12.72 2.08
C PHE A 180 -5.46 -11.86 0.87
N MSE A 181 -6.25 -11.78 -0.18
CA MSE A 181 -5.88 -10.90 -1.31
C MSE A 181 -5.84 -9.46 -0.82
O MSE A 181 -6.76 -8.98 -0.14
CB MSE A 181 -6.92 -11.02 -2.41
CG MSE A 181 -6.96 -12.38 -3.18
SE MSE A 181 -5.32 -12.84 -4.13
CE MSE A 181 -5.53 -11.57 -5.55
N PHE A 182 -4.82 -8.70 -1.24
CA PHE A 182 -4.67 -7.34 -0.72
C PHE A 182 -3.76 -6.48 -1.59
N ILE A 183 -4.29 -5.34 -2.04
CA ILE A 183 -3.55 -4.24 -2.62
C ILE A 183 -4.02 -3.00 -1.86
N GLY A 184 -3.07 -2.14 -1.46
CA GLY A 184 -3.48 -0.96 -0.68
C GLY A 184 -3.96 0.20 -1.51
N SER A 185 -4.45 1.21 -0.81
CA SER A 185 -4.66 2.56 -1.36
CA SER A 185 -4.65 2.53 -1.37
C SER A 185 -3.38 3.34 -1.14
N PRO A 186 -2.66 3.74 -2.20
CA PRO A 186 -1.38 4.40 -2.03
C PRO A 186 -1.47 5.69 -1.26
N MSE A 187 -0.34 6.07 -0.67
CA MSE A 187 -0.29 7.16 0.32
C MSE A 187 -0.89 8.46 -0.18
O MSE A 187 -1.49 9.21 0.58
CB MSE A 187 1.11 7.37 0.87
CG MSE A 187 2.04 8.31 0.06
SE MSE A 187 2.55 7.66 -1.71
CE MSE A 187 3.97 6.43 -1.14
N TYR A 188 -0.70 8.78 -1.47
CA TYR A 188 -1.19 10.07 -1.98
C TYR A 188 -2.69 10.20 -1.96
N LEU A 189 -3.41 9.05 -1.96
CA LEU A 189 -4.86 9.03 -1.89
C LEU A 189 -5.38 9.22 -0.47
N TRP A 190 -4.49 9.50 0.48
CA TRP A 190 -4.90 9.77 1.85
C TRP A 190 -4.83 11.25 2.20
N PHE A 191 -4.88 12.12 1.20
CA PHE A 191 -4.87 13.58 1.40
C PHE A 191 -6.02 14.00 2.30
N ASN A 192 -5.70 14.39 3.53
CA ASN A 192 -6.67 14.75 4.57
C ASN A 192 -7.69 13.68 4.95
N VAL A 193 -7.43 12.44 4.58
CA VAL A 193 -8.34 11.36 4.87
C VAL A 193 -8.15 10.88 6.30
N ASN A 194 -9.24 10.74 7.02
CA ASN A 194 -9.21 10.24 8.38
C ASN A 194 -9.37 8.73 8.39
N GLY A 195 -8.34 8.00 8.81
CA GLY A 195 -8.38 6.56 8.78
C GLY A 195 -9.42 5.93 9.67
N SER A 196 -9.75 6.57 10.79
CA SER A 196 -10.83 6.07 11.61
C SER A 196 -12.17 6.16 10.88
N GLN A 197 -12.38 7.23 10.12
CA GLN A 197 -13.60 7.36 9.31
C GLN A 197 -13.67 6.32 8.20
N VAL A 198 -12.55 6.08 7.51
CA VAL A 198 -12.52 5.06 6.45
C VAL A 198 -12.92 3.71 7.05
N TYR A 199 -12.26 3.35 8.15
CA TYR A 199 -12.54 2.09 8.79
C TYR A 199 -14.03 1.97 9.17
N HIS A 200 -14.54 2.94 9.92
CA HIS A 200 -15.91 2.83 10.40
C HIS A 200 -16.94 2.96 9.28
N ASP A 201 -16.66 3.80 8.29
CA ASP A 201 -17.59 3.92 7.18
C ASP A 201 -17.86 2.57 6.54
N ILE A 202 -16.80 1.80 6.40
CA ILE A 202 -16.88 0.50 5.73
C ILE A 202 -17.38 -0.59 6.71
N TYR A 203 -16.69 -0.76 7.83
CA TYR A 203 -16.96 -1.86 8.73
C TYR A 203 -18.24 -1.74 9.53
N ASP A 204 -18.69 -0.53 9.83
CA ASP A 204 -19.91 -0.38 10.61
C ASP A 204 -21.14 -0.80 9.79
N ARG A 205 -21.01 -0.84 8.45
CA ARG A 205 -22.16 -1.04 7.60
C ARG A 205 -22.24 -2.41 6.94
N ASN A 206 -21.29 -3.30 7.16
CA ASN A 206 -21.34 -4.65 6.54
CA ASN A 206 -21.21 -4.58 6.48
C ASN A 206 -20.75 -5.68 7.46
N ALA A 207 -21.68 -6.38 8.13
CA ALA A 207 -21.30 -7.39 9.10
C ALA A 207 -20.46 -8.49 8.47
N GLY A 208 -20.65 -8.76 7.18
CA GLY A 208 -19.94 -9.87 6.52
C GLY A 208 -18.44 -9.65 6.50
N PHE A 209 -18.01 -8.37 6.50
CA PHE A 209 -16.59 -8.07 6.46
C PHE A 209 -15.90 -8.38 7.77
N HIS A 210 -16.65 -8.61 8.84
CA HIS A 210 -16.07 -8.94 10.13
C HIS A 210 -15.73 -10.40 10.29
N ASN A 211 -16.20 -11.23 9.36
CA ASN A 211 -15.92 -12.64 9.43
C ASN A 211 -14.43 -12.88 9.39
N LYS A 212 -13.92 -13.70 10.32
CA LYS A 212 -12.50 -13.87 10.48
C LYS A 212 -11.84 -14.58 9.33
N GLU A 213 -12.63 -15.14 8.40
CA GLU A 213 -12.07 -15.79 7.23
C GLU A 213 -12.14 -14.91 5.99
N ILE A 214 -12.52 -13.64 6.14
CA ILE A 214 -12.72 -12.75 5.01
C ILE A 214 -11.87 -11.48 5.12
N GLY A 215 -11.11 -11.16 4.07
CA GLY A 215 -10.51 -9.84 3.97
C GLY A 215 -9.61 -9.46 5.12
N ARG A 216 -8.74 -10.38 5.56
CA ARG A 216 -7.94 -10.16 6.76
C ARG A 216 -6.81 -9.17 6.60
N LEU A 217 -6.14 -9.15 5.44
CA LEU A 217 -5.10 -8.14 5.25
C LEU A 217 -5.67 -6.75 4.96
N LEU A 218 -6.82 -6.70 4.27
CA LEU A 218 -7.58 -5.45 4.14
C LEU A 218 -7.96 -4.91 5.53
N TYR A 219 -8.45 -5.80 6.39
CA TYR A 219 -8.79 -5.44 7.78
C TYR A 219 -7.54 -4.94 8.50
N ALA A 220 -6.44 -5.67 8.43
CA ALA A 220 -5.25 -5.26 9.16
C ALA A 220 -4.79 -3.88 8.74
N PHE A 221 -4.78 -3.63 7.44
CA PHE A 221 -4.37 -2.33 6.90
C PHE A 221 -5.24 -1.22 7.44
N MSE A 222 -6.55 -1.40 7.32
CA MSE A 222 -7.48 -0.37 7.77
C MSE A 222 -7.48 -0.21 9.29
O MSE A 222 -7.63 0.91 9.79
CB MSE A 222 -8.88 -0.60 7.23
CG MSE A 222 -8.93 -0.28 5.69
SE MSE A 222 -10.74 -0.45 4.95
CE MSE A 222 -10.34 -2.18 4.48
N TYR A 223 -7.35 -1.31 10.03
CA TYR A 223 -7.37 -1.23 11.49
C TYR A 223 -6.18 -0.40 11.97
N TYR A 224 -4.98 -0.69 11.48
CA TYR A 224 -3.79 0.07 11.88
C TYR A 224 -3.97 1.55 11.57
N LEU A 225 -4.48 1.86 10.38
CA LEU A 225 -4.67 3.25 9.98
C LEU A 225 -5.81 3.91 10.73
N SER A 226 -6.69 3.13 11.36
CA SER A 226 -7.73 3.66 12.23
C SER A 226 -7.23 4.09 13.57
N ILE A 227 -6.08 3.58 13.98
CA ILE A 227 -5.51 3.96 15.27
C ILE A 227 -4.28 4.83 15.15
N SER A 228 -3.68 4.93 13.97
CA SER A 228 -2.47 5.71 13.78
C SER A 228 -2.63 6.60 12.57
N GLY A 229 -2.84 7.89 12.80
CA GLY A 229 -3.05 8.83 11.73
C GLY A 229 -1.78 9.18 10.99
N ARG A 230 -1.94 9.75 9.79
CA ARG A 230 -0.82 10.06 8.93
C ARG A 230 0.17 10.99 9.60
N PHE A 231 -0.33 12.04 10.25
CA PHE A 231 0.56 13.10 10.81
C PHE A 231 0.37 13.16 12.31
N LEU A 232 1.37 12.67 13.04
CA LEU A 232 1.34 12.52 14.50
C LEU A 232 1.99 13.69 15.22
N ASN A 233 2.52 14.65 14.48
CA ASN A 233 3.09 15.87 15.08
C ASN A 233 4.13 15.50 16.15
N ASP A 234 4.02 16.02 17.37
CA ASP A 234 5.05 15.77 18.40
C ASP A 234 5.13 14.31 18.88
N PHE A 235 4.14 13.48 18.51
CA PHE A 235 4.18 12.07 18.86
C PHE A 235 4.89 11.27 17.81
N ALA A 236 5.22 11.87 16.67
CA ALA A 236 5.87 11.10 15.61
C ALA A 236 7.24 10.64 16.06
N LEU A 237 7.55 9.37 15.82
CA LEU A 237 8.89 8.84 16.06
C LEU A 237 9.67 8.58 14.78
N LEU A 238 8.97 8.35 13.67
CA LEU A 238 9.54 8.07 12.37
C LEU A 238 8.75 8.83 11.32
N LYS A 239 9.43 9.18 10.21
CA LYS A 239 8.76 9.76 9.07
C LYS A 239 9.32 9.17 7.80
N PHE A 240 8.45 8.81 6.86
CA PHE A 240 8.84 8.39 5.53
C PHE A 240 8.44 9.49 4.54
N THR A 241 9.24 9.69 3.51
CA THR A 241 8.88 10.58 2.39
C THR A 241 9.26 9.95 1.06
N TYR A 242 8.34 9.97 0.11
CA TYR A 242 8.59 9.57 -1.28
C TYR A 242 7.95 10.63 -2.18
N LEU A 243 8.73 11.28 -3.01
CA LEU A 243 8.25 12.27 -3.99
C LEU A 243 7.36 13.31 -3.27
N GLY A 244 7.84 13.76 -2.10
CA GLY A 244 7.14 14.80 -1.38
C GLY A 244 5.94 14.35 -0.58
N GLU A 245 5.57 13.08 -0.66
CA GLU A 245 4.46 12.55 0.12
C GLU A 245 5.00 11.93 1.39
N SER A 246 4.61 12.48 2.53
CA SER A 246 5.16 12.03 3.81
C SER A 246 4.12 11.28 4.64
N TRP A 247 4.64 10.57 5.65
CA TRP A 247 3.79 9.80 6.57
C TRP A 247 4.61 9.61 7.84
N THR A 248 3.96 9.66 8.99
CA THR A 248 4.66 9.47 10.27
C THR A 248 4.11 8.26 11.00
N PHE A 249 4.96 7.73 11.89
CA PHE A 249 4.64 6.55 12.67
C PHE A 249 5.18 6.69 14.08
N SER A 250 4.52 6.01 15.02
CA SER A 250 5.01 5.90 16.40
C SER A 250 4.94 4.49 16.93
N LEU A 251 4.49 3.56 16.16
CA LEU A 251 4.44 2.15 16.45
C LEU A 251 5.38 1.42 15.48
N SER A 252 5.56 0.13 15.68
CA SER A 252 6.12 -0.66 14.59
C SER A 252 5.30 -0.49 13.34
N VAL A 253 5.94 -0.74 12.19
CA VAL A 253 5.34 -0.49 10.87
C VAL A 253 5.35 -1.80 10.09
N PRO A 254 4.24 -2.52 10.11
CA PRO A 254 4.17 -3.77 9.37
C PRO A 254 4.35 -3.63 7.89
N GLU A 255 4.82 -4.70 7.27
CA GLU A 255 4.92 -4.74 5.84
CA GLU A 255 4.92 -4.77 5.84
C GLU A 255 3.59 -4.48 5.14
N TYR A 256 2.47 -4.95 5.69
CA TYR A 256 1.20 -4.64 5.04
C TYR A 256 0.93 -3.15 4.96
N ILE A 257 1.47 -2.36 5.90
CA ILE A 257 1.35 -0.90 5.82
C ILE A 257 2.28 -0.33 4.77
N LEU A 258 3.56 -0.69 4.76
CA LEU A 258 4.48 -0.11 3.80
C LEU A 258 4.15 -0.54 2.37
N TYR A 259 3.87 -1.84 2.18
CA TYR A 259 3.38 -2.32 0.88
C TYR A 259 2.09 -1.61 0.49
N GLY A 260 1.13 -1.53 1.42
CA GLY A 260 -0.14 -0.98 1.09
C GLY A 260 -0.10 0.47 0.69
N LEU A 261 0.72 1.26 1.41
CA LEU A 261 0.83 2.68 1.13
C LEU A 261 1.76 3.00 -0.01
N GLY A 262 2.63 2.08 -0.43
CA GLY A 262 3.59 2.33 -1.46
C GLY A 262 4.92 2.89 -1.04
N TYR A 263 5.25 2.76 0.24
CA TYR A 263 6.55 3.19 0.77
C TYR A 263 7.57 2.09 0.76
N SER A 264 8.83 2.50 0.66
CA SER A 264 9.96 1.59 0.61
C SER A 264 10.95 1.93 1.75
N VAL A 265 11.64 0.91 2.24
CA VAL A 265 12.72 1.13 3.20
C VAL A 265 13.91 1.83 2.57
N PHE A 266 13.90 2.01 1.23
CA PHE A 266 14.91 2.81 0.51
C PHE A 266 14.49 4.27 0.35
N ASP A 267 13.31 4.64 0.83
CA ASP A 267 12.86 6.02 0.80
C ASP A 267 13.58 6.84 1.88
N THR A 268 13.21 8.11 1.99
CA THR A 268 13.78 8.99 3.01
C THR A 268 13.09 8.66 4.34
N ILE A 269 13.85 8.15 5.29
CA ILE A 269 13.36 7.78 6.60
C ILE A 269 14.04 8.67 7.61
N GLU A 270 13.26 9.38 8.45
CA GLU A 270 13.80 10.23 9.48
C GLU A 270 13.33 9.73 10.85
N LYS A 271 14.26 9.71 11.80
CA LYS A 271 13.97 9.36 13.19
C LYS A 271 13.92 10.60 14.06
N PHE A 272 12.91 10.67 14.93
CA PHE A 272 12.79 11.79 15.85
C PHE A 272 13.14 11.44 17.28
N SER A 273 13.55 10.20 17.52
CA SER A 273 14.01 9.79 18.83
C SER A 273 15.23 8.95 18.68
N ASN A 274 15.84 8.57 19.80
CA ASN A 274 16.97 7.63 19.68
CA ASN A 274 17.00 7.67 19.94
C ASN A 274 16.59 6.20 20.12
N ASP A 275 15.32 5.86 19.92
CA ASP A 275 14.89 4.48 20.05
C ASP A 275 15.47 3.64 18.91
N ALA A 276 15.78 2.36 19.17
CA ALA A 276 16.20 1.47 18.10
C ALA A 276 15.04 1.12 17.18
N ILE A 277 15.35 1.05 15.90
CA ILE A 277 14.48 0.41 14.93
C ILE A 277 15.25 -0.67 14.19
N LEU A 278 14.53 -1.75 13.87
CA LEU A 278 15.02 -2.81 12.98
C LEU A 278 14.31 -2.65 11.67
N VAL A 279 15.09 -2.37 10.62
CA VAL A 279 14.55 -2.17 9.27
C VAL A 279 14.84 -3.43 8.47
N TYR A 280 13.80 -4.23 8.26
CA TYR A 280 13.92 -5.48 7.51
C TYR A 280 13.94 -5.21 6.04
N ILE A 281 14.93 -5.77 5.32
CA ILE A 281 15.09 -5.45 3.92
C ILE A 281 15.03 -6.63 2.98
N ARG A 282 15.31 -7.85 3.44
CA ARG A 282 15.37 -8.98 2.51
C ARG A 282 15.25 -10.30 3.24
N THR A 283 14.76 -11.31 2.51
CA THR A 283 14.84 -12.68 2.98
C THR A 283 16.28 -13.18 2.87
N ASN A 284 16.61 -14.17 3.71
CA ASN A 284 17.94 -14.77 3.69
C ASN A 284 17.85 -16.24 3.32
N ASN A 285 18.93 -16.97 3.53
CA ASN A 285 19.00 -18.38 3.14
C ASN A 285 18.57 -19.34 4.24
N ARG A 286 18.08 -18.83 5.35
CA ARG A 286 17.84 -19.61 6.57
C ARG A 286 16.38 -19.55 7.00
N ASN A 287 15.46 -19.32 6.05
CA ASN A 287 14.06 -19.18 6.39
C ASN A 287 13.82 -17.95 7.28
N GLY A 288 14.67 -16.97 7.12
CA GLY A 288 14.58 -15.75 7.92
C GLY A 288 14.79 -14.52 7.09
N TYR A 289 15.14 -13.47 7.82
CA TYR A 289 15.14 -12.13 7.33
C TYR A 289 16.39 -11.42 7.79
N ASP A 290 16.90 -10.53 6.93
CA ASP A 290 18.01 -9.66 7.30
C ASP A 290 17.53 -8.24 7.50
N TYR A 291 18.09 -7.59 8.52
CA TYR A 291 17.70 -6.25 8.88
C TYR A 291 18.89 -5.36 9.18
N VAL A 292 18.65 -4.08 9.11
CA VAL A 292 19.62 -3.06 9.51
C VAL A 292 19.03 -2.35 10.75
N GLU A 293 19.87 -2.16 11.76
CA GLU A 293 19.45 -1.42 12.92
C GLU A 293 19.91 0.03 12.86
N PHE A 294 19.02 0.94 13.27
CA PHE A 294 19.33 2.36 13.44
C PHE A 294 18.88 2.81 14.82
N ASN A 295 19.61 3.79 15.38
CA ASN A 295 19.33 4.28 16.73
C ASN A 295 19.24 5.80 16.78
N LYS A 296 20.11 6.52 16.10
CA LYS A 296 20.20 7.95 16.32
C LYS A 296 19.06 8.74 15.68
N LYS A 297 18.85 9.96 16.12
CA LYS A 297 17.93 10.86 15.46
C LYS A 297 18.48 11.21 14.06
N GLY A 298 17.58 11.60 13.18
CA GLY A 298 17.94 12.06 11.86
C GLY A 298 17.68 11.01 10.81
N ILE A 299 18.29 11.19 9.64
CA ILE A 299 18.08 10.28 8.52
C ILE A 299 18.62 8.89 8.83
N ALA A 300 17.83 7.87 8.52
CA ALA A 300 18.20 6.46 8.58
C ALA A 300 18.28 5.97 7.14
N LYS A 301 19.47 5.90 6.61
CA LYS A 301 19.69 5.55 5.20
C LYS A 301 20.19 4.12 5.06
N VAL A 302 19.39 3.29 4.41
CA VAL A 302 19.81 1.93 4.07
C VAL A 302 20.72 2.03 2.84
N THR A 303 21.96 1.57 2.99
CA THR A 303 22.95 1.65 1.90
C THR A 303 23.21 0.32 1.22
N GLU A 304 22.56 -0.74 1.69
CA GLU A 304 22.68 -2.06 1.06
C GLU A 304 22.06 -2.01 -0.35
N ASP A 305 22.44 -2.96 -1.19
CA ASP A 305 21.86 -3.09 -2.51
C ASP A 305 20.35 -3.32 -2.39
N LYS A 306 19.60 -2.81 -3.35
CA LYS A 306 18.17 -3.08 -3.43
C LYS A 306 17.96 -4.55 -3.81
N PRO A 307 17.31 -5.35 -2.94
CA PRO A 307 17.07 -6.74 -3.29
C PRO A 307 16.12 -6.85 -4.49
N ASP A 308 16.17 -7.98 -5.18
CA ASP A 308 15.23 -8.27 -6.23
C ASP A 308 13.80 -8.50 -5.71
N ASN A 309 12.84 -8.55 -6.63
CA ASN A 309 11.44 -8.64 -6.26
C ASN A 309 11.13 -9.90 -5.43
N ASP A 310 11.86 -10.99 -5.67
CA ASP A 310 11.62 -12.22 -4.95
C ASP A 310 12.00 -12.12 -3.48
N LYS A 311 12.96 -11.25 -3.14
CA LYS A 311 13.56 -11.21 -1.81
C LYS A 311 13.26 -9.97 -1.02
N ARG A 312 12.80 -8.89 -1.66
CA ARG A 312 12.72 -7.60 -0.96
C ARG A 312 11.60 -7.61 0.09
N ILE A 313 11.89 -6.98 1.23
CA ILE A 313 10.96 -6.77 2.33
C ILE A 313 10.94 -5.29 2.66
N HIS A 314 9.80 -4.79 3.14
CA HIS A 314 9.73 -3.46 3.75
C HIS A 314 8.97 -3.59 5.06
N ALA A 315 9.68 -3.46 6.19
CA ALA A 315 9.04 -3.58 7.48
C ALA A 315 9.91 -2.96 8.53
N ILE A 316 9.33 -2.40 9.59
CA ILE A 316 10.13 -1.81 10.68
C ILE A 316 9.60 -2.28 12.02
N ARG A 317 10.49 -2.81 12.85
CA ARG A 317 10.17 -3.01 14.27
C ARG A 317 10.73 -1.82 15.07
N LEU A 318 9.87 -1.11 15.77
CA LEU A 318 10.25 -0.03 16.65
C LEU A 318 10.40 -0.57 18.05
N ILE A 319 11.49 -0.24 18.72
CA ILE A 319 11.76 -0.72 20.08
C ILE A 319 11.84 0.46 21.01
N ASN A 320 10.87 0.56 21.90
CA ASN A 320 10.98 1.56 22.92
C ASN A 320 10.32 1.03 24.16
N ASP A 321 10.03 1.88 25.11
CA ASP A 321 9.36 1.35 26.29
C ASP A 321 7.99 1.87 26.60
N SER A 322 7.59 2.90 25.90
CA SER A 322 6.30 3.49 26.14
C SER A 322 5.21 2.99 25.16
N THR A 323 5.49 1.99 24.31
CA THR A 323 4.44 1.44 23.44
C THR A 323 3.42 0.69 24.29
N ASP A 324 2.14 1.02 24.12
CA ASP A 324 1.08 0.36 24.87
C ASP A 324 1.03 -1.11 24.53
N VAL A 325 0.78 -1.92 25.53
CA VAL A 325 0.72 -3.34 25.35
C VAL A 325 -0.28 -3.76 24.26
N GLN A 326 -1.34 -2.99 24.05
CA GLN A 326 -2.33 -3.34 23.05
C GLN A 326 -1.80 -3.18 21.63
N HIS A 327 -0.68 -2.49 21.47
CA HIS A 327 -0.09 -2.19 20.17
C HIS A 327 1.25 -2.88 19.91
N ILE A 328 1.79 -3.59 20.88
CA ILE A 328 3.10 -4.15 20.75
CA ILE A 328 3.12 -4.12 20.70
C ILE A 328 3.19 -5.24 19.65
N HIS A 329 2.08 -5.90 19.39
CA HIS A 329 2.11 -7.01 18.47
C HIS A 329 2.37 -6.60 17.02
N PHE A 330 2.21 -5.32 16.66
CA PHE A 330 2.51 -4.90 15.31
C PHE A 330 3.95 -5.12 14.92
N GLY A 331 4.86 -5.18 15.90
CA GLY A 331 6.26 -5.42 15.63
C GLY A 331 6.70 -6.87 15.76
N PHE A 332 5.79 -7.75 16.14
CA PHE A 332 6.10 -9.16 16.31
C PHE A 332 6.54 -9.74 14.96
N ARG A 333 7.57 -10.59 14.96
CA ARG A 333 8.22 -11.03 13.73
C ARG A 333 7.26 -11.49 12.66
N ASN A 334 6.32 -12.36 13.03
CA ASN A 334 5.50 -13.03 12.02
C ASN A 334 4.25 -12.27 11.62
N MSE A 335 4.07 -11.10 12.22
CA MSE A 335 3.04 -10.16 11.84
CA MSE A 335 3.04 -10.12 11.93
C MSE A 335 3.62 -8.97 11.12
O MSE A 335 2.98 -8.48 10.17
CB MSE A 335 2.30 -9.63 13.06
CB MSE A 335 2.51 -9.61 13.30
CG MSE A 335 1.53 -8.39 12.62
CG MSE A 335 1.49 -8.49 13.19
SE MSE A 335 0.04 -8.27 13.83
SE MSE A 335 -0.23 -9.11 12.45
CE MSE A 335 -1.37 -7.46 12.73
CE MSE A 335 -1.33 -7.60 13.07
N VAL A 336 4.79 -8.46 11.55
CA VAL A 336 5.42 -7.33 10.92
C VAL A 336 5.92 -7.63 9.52
N ILE A 337 6.11 -8.90 9.19
CA ILE A 337 6.45 -9.34 7.86
C ILE A 337 5.37 -10.29 7.38
N ILE A 338 4.90 -10.10 6.14
CA ILE A 338 3.81 -10.93 5.62
C ILE A 338 4.36 -12.32 5.27
N ASP A 339 3.77 -13.36 5.87
CA ASP A 339 4.22 -14.76 5.61
C ASP A 339 4.05 -15.07 4.13
N ASN A 340 5.04 -15.75 3.53
CA ASN A 340 4.86 -16.16 2.14
C ASN A 340 4.01 -17.43 2.07
N GLU A 341 3.73 -18.09 3.20
CA GLU A 341 2.75 -19.18 3.20
C GLU A 341 1.37 -18.57 3.50
N CYS A 342 0.56 -18.42 2.45
CA CYS A 342 -0.66 -17.61 2.58
C CYS A 342 -1.50 -17.95 3.79
N ALA A 343 -1.75 -19.25 4.03
CA ALA A 343 -2.68 -19.62 5.08
C ALA A 343 -2.24 -19.16 6.46
N ASN A 344 -0.93 -18.90 6.61
CA ASN A 344 -0.35 -18.57 7.92
C ASN A 344 -0.10 -17.08 8.10
N ILE A 345 -0.58 -16.26 7.18
CA ILE A 345 -0.46 -14.82 7.34
C ILE A 345 -1.17 -14.37 8.63
N GLN A 346 -0.52 -13.51 9.39
CA GLN A 346 -1.07 -12.97 10.63
C GLN A 346 -1.68 -11.60 10.39
N SER A 347 -2.74 -11.31 11.13
CA SER A 347 -3.55 -10.12 10.86
C SER A 347 -4.12 -9.44 12.08
N SER A 348 -3.90 -9.97 13.31
CA SER A 348 -4.40 -9.32 14.50
C SER A 348 -3.66 -9.85 15.71
N ALA A 349 -3.93 -9.25 16.86
CA ALA A 349 -3.25 -9.71 18.08
C ALA A 349 -3.61 -11.15 18.43
N GLU A 350 -4.79 -11.60 18.00
CA GLU A 350 -5.20 -12.99 18.24
C GLU A 350 -4.30 -14.03 17.60
N ASN A 351 -3.58 -13.64 16.56
CA ASN A 351 -2.74 -14.58 15.84
C ASN A 351 -1.30 -14.12 15.62
N ALA A 352 -0.93 -12.93 16.12
CA ALA A 352 0.43 -12.45 15.94
C ALA A 352 1.39 -13.19 16.87
N THR A 353 2.52 -13.64 16.31
CA THR A 353 3.55 -14.34 17.12
C THR A 353 4.91 -13.75 16.81
N ASP A 354 5.81 -13.90 17.79
CA ASP A 354 7.12 -13.25 17.81
C ASP A 354 8.27 -14.26 17.90
N THR A 355 8.07 -15.45 17.34
CA THR A 355 9.04 -16.51 17.38
C THR A 355 9.79 -16.63 16.07
N GLY A 356 11.00 -17.18 16.13
CA GLY A 356 11.76 -17.46 14.94
C GLY A 356 12.99 -16.61 14.67
N HIS A 357 13.35 -15.75 15.62
CA HIS A 357 14.40 -14.80 15.43
C HIS A 357 15.77 -15.41 15.19
N HIS A 358 16.01 -16.66 15.62
CA HIS A 358 17.32 -17.26 15.39
C HIS A 358 17.67 -17.40 13.91
N GLN A 359 16.65 -17.29 13.04
CA GLN A 359 16.83 -17.40 11.60
C GLN A 359 17.19 -16.07 10.93
N ASP A 360 17.23 -14.99 11.71
CA ASP A 360 17.37 -13.64 11.16
C ASP A 360 18.73 -13.11 11.50
N SER A 361 19.24 -12.19 10.67
CA SER A 361 20.54 -11.60 10.94
C SER A 361 20.54 -10.09 10.82
N LYS A 362 21.33 -9.48 11.67
CA LYS A 362 21.61 -8.04 11.64
C LYS A 362 22.79 -7.81 10.71
N ILE A 363 22.58 -6.96 9.70
CA ILE A 363 23.54 -6.74 8.61
C ILE A 363 24.60 -5.73 8.95
N ASN A 364 24.28 -4.74 9.76
CA ASN A 364 25.13 -3.55 9.81
C ASN A 364 26.60 -3.81 9.52
N THR A 382 -7.38 13.43 14.24
CA THR A 382 -6.35 12.45 13.85
C THR A 382 -6.16 11.37 14.96
N PRO A 383 -6.26 10.06 14.59
CA PRO A 383 -5.93 9.01 15.57
C PRO A 383 -4.43 9.06 16.04
N ILE A 384 -4.20 9.06 17.34
CA ILE A 384 -2.81 9.00 17.85
C ILE A 384 -2.76 7.81 18.82
N PRO A 385 -1.81 6.88 18.58
CA PRO A 385 -1.59 5.79 19.55
C PRO A 385 -1.09 6.34 20.91
C1 EDO B . -4.38 7.25 8.45
O1 EDO B . -5.39 7.34 9.50
C2 EDO B . -4.64 8.50 7.56
O2 EDO B . -4.39 9.63 8.34
C1 EDO C . -2.49 18.80 -21.09
O1 EDO C . -1.77 17.76 -21.76
C2 EDO C . -1.81 20.17 -21.29
O2 EDO C . -0.57 20.17 -20.58
C1 EDO D . -1.20 -1.17 -30.27
O1 EDO D . -0.04 -1.59 -31.00
C2 EDO D . -0.86 0.11 -29.52
O2 EDO D . 0.21 -0.15 -28.62
C1 EDO E . 22.93 1.05 6.75
O1 EDO E . 22.51 0.40 5.52
C2 EDO E . 24.40 1.41 6.77
O2 EDO E . 25.12 0.19 6.90
C1 EDO F . 13.35 -7.43 19.76
O1 EDO F . 13.63 -8.75 20.22
C2 EDO F . 13.04 -6.49 20.95
O2 EDO F . 14.23 -6.25 21.72
C1 EDO G . 0.70 0.26 -3.24
O1 EDO G . -0.49 1.01 -2.90
C2 EDO G . 0.07 -1.10 -3.52
O2 EDO G . -0.36 -1.88 -2.36
C1 EDO H . -12.42 15.37 -17.62
O1 EDO H . -12.05 16.12 -16.48
C2 EDO H . -11.45 14.21 -17.70
O2 EDO H . -11.53 13.48 -16.49
C1 EDO I . 0.95 16.27 0.04
O1 EDO I . 0.09 15.92 -1.04
C2 EDO I . 0.66 15.32 1.17
O2 EDO I . 0.82 15.88 2.46
#